data_3NM7
#
_entry.id   3NM7
#
_cell.length_a   47.790
_cell.length_b   57.750
_cell.length_c   142.310
_cell.angle_alpha   90.000
_cell.angle_beta   90.000
_cell.angle_gamma   90.000
#
_symmetry.space_group_name_H-M   'P 21 21 21'
#
loop_
_entity.id
_entity.type
_entity.pdbx_description
1 polymer 'Uncharacterized protein'
2 non-polymer 'MAGNESIUM ION'
3 non-polymer 1,2-ETHANEDIOL
4 water water
#
_entity_poly.entity_id   1
_entity_poly.type   'polypeptide(L)'
_entity_poly.pdbx_seq_one_letter_code
;MWRKLMGERGEVYSEKLFTESERTYFFNVKENRKGDYFLNIVESKRSPSGDFERHSIFVYEENINEFESNLLKAIAVIKQ
KVSTGSVGSSARHNKGYGEYGERSKLDDSRFDKKSHLSGGRFKKKDY
;
_entity_poly.pdbx_strand_id   A,B,C,D
#
# COMPACT_ATOMS: atom_id res chain seq x y z
N GLU A 8 1.24 -0.47 10.49
CA GLU A 8 1.45 -1.16 9.21
C GLU A 8 2.80 -0.85 8.55
N ARG A 9 3.59 -1.91 8.33
CA ARG A 9 4.91 -1.84 7.68
C ARG A 9 4.71 -1.51 6.18
N GLY A 10 5.39 -0.47 5.74
CA GLY A 10 5.31 0.04 4.37
C GLY A 10 4.36 1.23 4.26
N GLU A 11 3.57 1.47 5.32
CA GLU A 11 2.58 2.54 5.42
C GLU A 11 3.12 3.55 6.39
N VAL A 12 3.53 4.70 5.89
CA VAL A 12 4.11 5.74 6.76
C VAL A 12 3.02 6.62 7.37
N TYR A 13 1.99 6.95 6.57
CA TYR A 13 0.91 7.89 6.95
C TYR A 13 -0.32 7.52 6.16
N SER A 14 -1.50 7.64 6.81
CA SER A 14 -2.79 7.38 6.17
C SER A 14 -3.85 8.18 6.86
N GLU A 15 -4.56 9.01 6.09
CA GLU A 15 -5.64 9.81 6.65
C GLU A 15 -6.82 9.71 5.72
N LYS A 16 -8.01 9.67 6.28
CA LYS A 16 -9.28 9.57 5.54
C LYS A 16 -10.08 10.85 5.73
N LEU A 17 -10.67 11.37 4.64
CA LEU A 17 -11.48 12.56 4.68
C LEU A 17 -12.86 12.23 4.15
N PHE A 18 -13.86 12.32 5.04
CA PHE A 18 -15.26 12.17 4.64
C PHE A 18 -15.73 13.52 4.18
N THR A 19 -16.70 13.55 3.25
CA THR A 19 -17.32 14.80 2.81
C THR A 19 -18.86 14.57 2.94
N GLU A 20 -19.66 15.61 2.72
CA GLU A 20 -21.11 15.56 2.74
C GLU A 20 -21.63 15.08 1.38
N SER A 21 -20.70 14.67 0.49
CA SER A 21 -21.00 14.12 -0.84
C SER A 21 -20.57 12.64 -0.84
N GLU A 22 -20.86 11.95 -1.95
CA GLU A 22 -20.51 10.53 -2.20
C GLU A 22 -19.02 10.32 -2.43
N ARG A 23 -18.22 11.38 -2.25
CA ARG A 23 -16.76 11.25 -2.41
C ARG A 23 -16.08 11.22 -0.99
N THR A 24 -15.25 10.22 -0.78
CA THR A 24 -14.41 10.02 0.40
C THR A 24 -12.96 9.94 -0.16
N TYR A 25 -11.98 10.58 0.52
CA TYR A 25 -10.58 10.65 0.10
C TYR A 25 -9.68 10.05 1.13
N PHE A 26 -8.59 9.47 0.65
CA PHE A 26 -7.53 8.88 1.46
C PHE A 26 -6.25 9.54 1.01
N PHE A 27 -5.41 9.88 1.96
CA PHE A 27 -4.15 10.57 1.75
C PHE A 27 -3.13 9.66 2.37
N ASN A 28 -2.35 8.97 1.53
CA ASN A 28 -1.41 7.98 1.99
C ASN A 28 0.01 8.28 1.63
N VAL A 29 0.91 7.97 2.55
CA VAL A 29 2.34 8.04 2.31
C VAL A 29 2.88 6.63 2.54
N LYS A 30 3.43 6.05 1.49
CA LYS A 30 4.00 4.70 1.55
C LYS A 30 5.52 4.72 1.31
N GLU A 31 6.18 3.68 1.77
CA GLU A 31 7.60 3.46 1.64
C GLU A 31 7.80 2.28 0.70
N ASN A 32 8.69 2.44 -0.32
CA ASN A 32 8.97 1.33 -1.22
C ASN A 32 10.08 0.45 -0.63
N ARG A 33 10.57 -0.52 -1.40
CA ARG A 33 11.59 -1.43 -0.92
C ARG A 33 12.86 -0.73 -0.43
N LYS A 34 13.26 0.30 -1.15
CA LYS A 34 14.48 1.06 -0.85
C LYS A 34 14.36 2.07 0.28
N GLY A 35 13.15 2.33 0.73
CA GLY A 35 12.95 3.29 1.79
C GLY A 35 12.56 4.66 1.29
N ASP A 36 12.23 4.75 0.01
CA ASP A 36 11.78 6.00 -0.56
C ASP A 36 10.29 6.16 -0.28
N TYR A 37 9.84 7.40 -0.13
CA TYR A 37 8.43 7.64 0.09
C TYR A 37 7.75 8.05 -1.22
N PHE A 38 6.45 7.80 -1.28
CA PHE A 38 5.59 8.19 -2.39
C PHE A 38 4.21 8.48 -1.86
N LEU A 39 3.50 9.35 -2.55
CA LEU A 39 2.18 9.77 -2.13
C LEU A 39 1.17 8.99 -2.92
N ASN A 40 0.04 8.66 -2.26
CA ASN A 40 -1.04 8.00 -2.93
C ASN A 40 -2.32 8.72 -2.50
N ILE A 41 -2.99 9.36 -3.47
CA ILE A 41 -4.24 10.07 -3.20
C ILE A 41 -5.29 9.20 -3.80
N VAL A 42 -6.31 8.86 -3.00
CA VAL A 42 -7.41 8.01 -3.46
C VAL A 42 -8.72 8.76 -3.27
N GLU A 43 -9.59 8.76 -4.28
CA GLU A 43 -10.95 9.22 -4.17
C GLU A 43 -11.78 7.92 -4.26
N SER A 44 -12.72 7.74 -3.34
CA SER A 44 -13.62 6.61 -3.33
C SER A 44 -15.01 7.17 -3.47
N LYS A 45 -15.62 6.92 -4.63
CA LYS A 45 -16.92 7.46 -4.94
C LYS A 45 -18.00 6.35 -4.89
N ARG A 46 -19.06 6.63 -4.18
CA ARG A 46 -20.15 5.68 -4.08
C ARG A 46 -21.12 6.02 -5.22
N SER A 47 -21.30 5.08 -6.16
CA SER A 47 -22.20 5.24 -7.31
C SER A 47 -23.68 5.20 -6.84
N PRO A 48 -24.65 5.81 -7.59
CA PRO A 48 -26.07 5.77 -7.14
C PRO A 48 -26.56 4.37 -6.76
N SER A 49 -26.12 3.35 -7.53
CA SER A 49 -26.44 1.93 -7.31
C SER A 49 -25.92 1.36 -5.98
N GLY A 50 -24.87 1.99 -5.42
CA GLY A 50 -24.25 1.56 -4.17
C GLY A 50 -22.90 0.89 -4.33
N ASP A 51 -22.38 0.88 -5.56
CA ASP A 51 -21.07 0.31 -5.86
C ASP A 51 -19.97 1.36 -5.59
N PHE A 52 -18.77 0.92 -5.21
CA PHE A 52 -17.63 1.81 -4.92
C PHE A 52 -16.57 1.82 -5.99
N GLU A 53 -16.34 3.02 -6.56
CA GLU A 53 -15.36 3.37 -7.59
C GLU A 53 -14.15 3.97 -6.87
N ARG A 54 -12.96 3.42 -7.07
CA ARG A 54 -11.73 3.96 -6.49
C ARG A 54 -10.80 4.54 -7.58
N HIS A 55 -10.46 5.83 -7.45
CA HIS A 55 -9.56 6.56 -8.35
C HIS A 55 -8.32 6.88 -7.57
N SER A 56 -7.17 6.40 -8.06
CA SER A 56 -5.93 6.45 -7.33
C SER A 56 -4.78 7.07 -8.14
N ILE A 57 -4.09 8.05 -7.53
CA ILE A 57 -2.97 8.77 -8.13
C ILE A 57 -1.75 8.57 -7.28
N PHE A 58 -0.61 8.28 -7.93
CA PHE A 58 0.68 8.09 -7.28
C PHE A 58 1.61 9.21 -7.69
N VAL A 59 2.40 9.69 -6.72
CA VAL A 59 3.36 10.76 -6.95
C VAL A 59 4.64 10.34 -6.23
N TYR A 60 5.71 10.24 -7.00
CA TYR A 60 7.00 9.82 -6.46
C TYR A 60 7.75 10.97 -5.83
N GLU A 61 8.62 10.63 -4.91
CA GLU A 61 9.43 11.55 -4.10
C GLU A 61 10.08 12.68 -4.97
N GLU A 62 10.61 12.29 -6.13
CA GLU A 62 11.30 13.21 -7.02
C GLU A 62 10.42 14.30 -7.64
N ASN A 63 9.11 14.09 -7.68
CA ASN A 63 8.20 15.05 -8.29
C ASN A 63 7.25 15.70 -7.30
N ILE A 64 7.53 15.50 -6.02
CA ILE A 64 6.64 15.99 -4.99
C ILE A 64 6.56 17.52 -4.93
N ASN A 65 7.71 18.18 -5.01
CA ASN A 65 7.77 19.64 -4.96
C ASN A 65 6.98 20.32 -6.07
N GLU A 66 7.13 19.81 -7.29
CA GLU A 66 6.44 20.37 -8.44
C GLU A 66 4.96 20.06 -8.38
N PHE A 67 4.62 18.85 -7.91
CA PHE A 67 3.24 18.42 -7.75
C PHE A 67 2.57 19.36 -6.76
N GLU A 68 3.21 19.60 -5.61
CA GLU A 68 2.70 20.46 -4.56
C GLU A 68 2.48 21.90 -5.05
N SER A 69 3.49 22.53 -5.67
CA SER A 69 3.34 23.91 -6.15
C SER A 69 2.26 24.01 -7.22
N ASN A 70 2.12 23.00 -8.10
CA ASN A 70 1.07 23.00 -9.12
C ASN A 70 -0.31 22.81 -8.48
N LEU A 71 -0.39 22.02 -7.40
CA LEU A 71 -1.66 21.80 -6.70
C LEU A 71 -2.11 23.12 -6.08
N LEU A 72 -1.19 23.77 -5.32
CA LEU A 72 -1.40 25.07 -4.70
C LEU A 72 -1.82 26.15 -5.75
N LYS A 73 -1.27 26.13 -6.98
CA LYS A 73 -1.63 27.10 -8.03
C LYS A 73 -3.03 26.88 -8.58
N ALA A 74 -3.43 25.60 -8.77
CA ALA A 74 -4.76 25.23 -9.25
C ALA A 74 -5.82 25.52 -8.19
N ILE A 75 -5.51 25.22 -6.94
CA ILE A 75 -6.45 25.45 -5.88
C ILE A 75 -6.68 26.96 -5.70
N ALA A 76 -5.63 27.76 -5.88
CA ALA A 76 -5.74 29.21 -5.78
C ALA A 76 -6.78 29.78 -6.72
N VAL A 77 -6.90 29.18 -7.91
CA VAL A 77 -7.89 29.61 -8.87
C VAL A 77 -9.29 29.41 -8.30
N ILE A 78 -9.50 28.33 -7.56
CA ILE A 78 -10.80 28.06 -6.96
C ILE A 78 -11.06 28.94 -5.74
N LYS A 79 -10.06 29.06 -4.88
CA LYS A 79 -10.13 29.92 -3.69
C LYS A 79 -10.40 31.37 -4.09
N GLN A 80 -9.84 31.84 -5.25
CA GLN A 80 -10.09 33.18 -5.81
C GLN A 80 -11.62 33.32 -6.06
N LYS A 81 -12.26 32.34 -6.76
CA LYS A 81 -13.69 32.31 -7.12
C LYS A 81 -14.65 32.36 -5.91
N VAL A 82 -14.49 31.45 -4.93
CA VAL A 82 -15.32 31.27 -3.74
C VAL A 82 -15.67 32.55 -2.95
N SER A 83 -16.96 32.69 -2.53
CA SER A 83 -17.46 33.84 -1.76
C SER A 83 -17.12 33.71 -0.27
N THR A 84 -16.73 34.85 0.38
CA THR A 84 -16.28 34.88 1.79
C THR A 84 -17.28 35.41 2.83
N GLY A 85 -16.80 35.47 4.09
CA GLY A 85 -17.51 35.95 5.27
C GLY A 85 -18.07 37.36 5.21
N SER A 86 -17.73 38.13 4.14
CA SER A 86 -18.22 39.50 3.90
C SER A 86 -18.06 39.90 2.43
N SER A 90 -22.19 47.40 8.37
CA SER A 90 -22.20 46.12 9.09
C SER A 90 -22.96 45.03 8.31
N ALA A 91 -22.24 43.98 7.87
CA ALA A 91 -22.82 42.93 7.03
C ALA A 91 -23.65 41.89 7.76
N ARG A 92 -24.85 41.64 7.17
CA ARG A 92 -25.87 40.69 7.62
C ARG A 92 -26.18 39.71 6.49
N HIS A 93 -25.85 38.42 6.69
CA HIS A 93 -26.15 37.38 5.70
C HIS A 93 -27.37 36.55 6.16
N ASN A 94 -27.87 35.64 5.27
CA ASN A 94 -28.97 34.73 5.41
C ASN A 94 -30.39 35.48 5.45
N GLU B 11 -14.04 24.67 -18.78
CA GLU B 11 -12.64 24.70 -18.36
C GLU B 11 -12.14 26.11 -18.06
N VAL B 12 -11.85 26.36 -16.78
CA VAL B 12 -11.37 27.62 -16.21
C VAL B 12 -9.82 27.68 -16.22
N TYR B 13 -9.16 26.58 -15.87
CA TYR B 13 -7.70 26.48 -15.75
C TYR B 13 -7.27 25.07 -16.09
N SER B 14 -6.08 24.94 -16.71
CA SER B 14 -5.48 23.65 -17.08
C SER B 14 -4.00 23.79 -17.15
N GLU B 15 -3.30 23.01 -16.35
CA GLU B 15 -1.85 23.03 -16.35
C GLU B 15 -1.36 21.58 -16.40
N LYS B 16 -0.30 21.34 -17.17
CA LYS B 16 0.26 20.01 -17.35
C LYS B 16 1.62 19.98 -16.72
N LEU B 17 1.93 18.92 -15.96
CA LEU B 17 3.21 18.73 -15.31
C LEU B 17 3.85 17.49 -15.90
N PHE B 18 4.91 17.71 -16.69
CA PHE B 18 5.65 16.63 -17.31
C PHE B 18 6.67 16.22 -16.31
N THR B 19 7.07 14.96 -16.37
CA THR B 19 8.13 14.44 -15.50
C THR B 19 9.11 13.67 -16.43
N GLU B 20 10.27 13.33 -15.88
CA GLU B 20 11.30 12.53 -16.56
C GLU B 20 10.93 11.03 -16.52
N SER B 21 9.71 10.71 -16.04
CA SER B 21 9.14 9.37 -15.92
C SER B 21 7.96 9.25 -16.88
N GLU B 22 7.36 8.07 -16.93
CA GLU B 22 6.22 7.70 -17.75
C GLU B 22 4.89 8.29 -17.19
N ARG B 23 4.98 9.16 -16.16
CA ARG B 23 3.83 9.84 -15.52
C ARG B 23 3.80 11.34 -15.86
N THR B 24 2.64 11.79 -16.33
CA THR B 24 2.31 13.18 -16.63
C THR B 24 1.04 13.48 -15.78
N TYR B 25 0.99 14.68 -15.17
CA TYR B 25 -0.13 15.13 -14.34
C TYR B 25 -0.79 16.35 -14.98
N PHE B 26 -2.08 16.46 -14.79
CA PHE B 26 -2.88 17.58 -15.24
C PHE B 26 -3.58 18.09 -14.01
N PHE B 27 -3.65 19.44 -13.90
CA PHE B 27 -4.28 20.15 -12.82
C PHE B 27 -5.31 21.03 -13.47
N ASN B 28 -6.57 20.63 -13.36
CA ASN B 28 -7.66 21.32 -14.03
C ASN B 28 -8.67 21.89 -13.09
N VAL B 29 -9.21 23.05 -13.47
CA VAL B 29 -10.31 23.70 -12.76
C VAL B 29 -11.44 23.88 -13.77
N LYS B 30 -12.57 23.27 -13.50
CA LYS B 30 -13.72 23.32 -14.39
C LYS B 30 -14.91 23.95 -13.68
N GLU B 31 -15.88 24.40 -14.44
CA GLU B 31 -17.12 25.00 -13.97
C GLU B 31 -18.27 24.08 -14.36
N ASN B 32 -19.18 23.76 -13.42
CA ASN B 32 -20.32 22.92 -13.74
C ASN B 32 -21.51 23.79 -14.25
N ARG B 33 -22.69 23.19 -14.45
CA ARG B 33 -23.95 23.84 -14.89
C ARG B 33 -24.27 25.07 -13.99
N LYS B 34 -24.28 24.87 -12.65
CA LYS B 34 -24.57 25.87 -11.61
C LYS B 34 -23.54 27.01 -11.52
N GLY B 35 -22.36 26.81 -12.07
CA GLY B 35 -21.29 27.79 -11.97
C GLY B 35 -20.30 27.51 -10.83
N ASP B 36 -20.42 26.30 -10.22
CA ASP B 36 -19.55 25.82 -9.14
C ASP B 36 -18.26 25.31 -9.75
N TYR B 37 -17.15 25.67 -9.14
CA TYR B 37 -15.85 25.21 -9.62
C TYR B 37 -15.55 23.86 -8.98
N PHE B 38 -14.74 23.06 -9.67
CA PHE B 38 -14.24 21.80 -9.18
C PHE B 38 -12.85 21.55 -9.68
N LEU B 39 -12.06 20.83 -8.88
CA LEU B 39 -10.69 20.50 -9.22
C LEU B 39 -10.68 19.11 -9.82
N ASN B 40 -9.78 18.88 -10.77
CA ASN B 40 -9.60 17.59 -11.36
C ASN B 40 -8.12 17.38 -11.47
N ILE B 41 -7.63 16.36 -10.78
CA ILE B 41 -6.23 15.97 -10.83
C ILE B 41 -6.21 14.70 -11.65
N VAL B 42 -5.41 14.70 -12.72
CA VAL B 42 -5.30 13.56 -13.61
C VAL B 42 -3.84 13.08 -13.62
N GLU B 43 -3.66 11.77 -13.59
CA GLU B 43 -2.36 11.13 -13.78
C GLU B 43 -2.46 10.30 -15.08
N SER B 44 -1.52 10.56 -16.02
CA SER B 44 -1.39 9.89 -17.32
C SER B 44 -0.14 9.03 -17.24
N LYS B 45 -0.36 7.72 -17.25
CA LYS B 45 0.69 6.71 -17.13
C LYS B 45 0.95 6.12 -18.51
N ARG B 46 2.22 6.16 -18.96
CA ARG B 46 2.64 5.64 -20.27
C ARG B 46 3.05 4.18 -20.14
N SER B 47 2.33 3.25 -20.80
CA SER B 47 2.69 1.82 -20.77
C SER B 47 3.85 1.56 -21.76
N PRO B 48 4.69 0.50 -21.57
CA PRO B 48 5.80 0.26 -22.53
C PRO B 48 5.36 0.25 -24.00
N SER B 49 4.17 -0.31 -24.28
CA SER B 49 3.54 -0.39 -25.60
C SER B 49 3.24 0.99 -26.23
N GLY B 50 3.08 2.01 -25.38
CA GLY B 50 2.77 3.37 -25.81
C GLY B 50 1.34 3.80 -25.53
N ASP B 51 0.58 2.96 -24.80
CA ASP B 51 -0.80 3.26 -24.42
C ASP B 51 -0.83 4.08 -23.12
N PHE B 52 -1.83 4.97 -23.00
CA PHE B 52 -1.97 5.84 -21.84
C PHE B 52 -3.08 5.45 -20.87
N GLU B 53 -2.70 5.23 -19.60
CA GLU B 53 -3.57 4.95 -18.45
C GLU B 53 -3.94 6.31 -17.78
N ARG B 54 -5.25 6.62 -17.65
CA ARG B 54 -5.77 7.86 -17.09
C ARG B 54 -6.45 7.67 -15.71
N HIS B 55 -5.81 8.19 -14.62
CA HIS B 55 -6.34 8.13 -13.24
C HIS B 55 -6.77 9.53 -12.86
N SER B 56 -8.06 9.70 -12.57
CA SER B 56 -8.68 10.99 -12.38
C SER B 56 -9.44 11.16 -11.06
N ILE B 57 -9.16 12.26 -10.34
CA ILE B 57 -9.77 12.59 -9.04
C ILE B 57 -10.43 13.94 -9.13
N PHE B 58 -11.68 14.01 -8.64
CA PHE B 58 -12.50 15.20 -8.62
C PHE B 58 -12.71 15.68 -7.21
N VAL B 59 -12.66 17.00 -7.03
CA VAL B 59 -12.87 17.62 -5.73
C VAL B 59 -13.78 18.82 -5.93
N TYR B 60 -14.98 18.82 -5.32
CA TYR B 60 -15.94 19.92 -5.37
C TYR B 60 -15.37 21.11 -4.56
N GLU B 61 -15.76 22.33 -4.98
CA GLU B 61 -15.48 23.62 -4.37
C GLU B 61 -15.64 23.57 -2.86
N GLU B 62 -16.76 23.02 -2.35
CA GLU B 62 -17.04 23.01 -0.92
C GLU B 62 -16.10 22.20 -0.07
N ASN B 63 -15.33 21.29 -0.69
CA ASN B 63 -14.38 20.40 0.00
C ASN B 63 -12.93 20.79 -0.25
N ILE B 64 -12.70 21.85 -1.04
CA ILE B 64 -11.37 22.25 -1.46
C ILE B 64 -10.37 22.57 -0.32
N ASN B 65 -10.83 23.26 0.73
CA ASN B 65 -9.96 23.64 1.88
C ASN B 65 -9.50 22.44 2.64
N GLU B 66 -10.43 21.51 2.94
CA GLU B 66 -10.14 20.29 3.68
C GLU B 66 -9.30 19.32 2.87
N PHE B 67 -9.57 19.24 1.57
CA PHE B 67 -8.79 18.40 0.65
C PHE B 67 -7.37 18.93 0.61
N GLU B 68 -7.20 20.25 0.43
CA GLU B 68 -5.88 20.89 0.33
C GLU B 68 -5.06 20.68 1.60
N SER B 69 -5.62 20.97 2.77
CA SER B 69 -4.89 20.82 4.04
C SER B 69 -4.50 19.37 4.29
N ASN B 70 -5.38 18.41 3.94
CA ASN B 70 -5.04 16.98 4.10
C ASN B 70 -3.94 16.55 3.10
N LEU B 71 -3.99 17.11 1.88
CA LEU B 71 -2.96 16.81 0.88
C LEU B 71 -1.62 17.35 1.31
N LEU B 72 -1.61 18.59 1.82
CA LEU B 72 -0.42 19.26 2.32
C LEU B 72 0.15 18.55 3.52
N LYS B 73 -0.70 17.99 4.40
CA LYS B 73 -0.19 17.22 5.56
C LYS B 73 0.53 15.99 5.10
N ALA B 74 0.02 15.27 4.07
CA ALA B 74 0.66 14.07 3.51
C ALA B 74 1.97 14.45 2.80
N ILE B 75 1.93 15.51 2.00
CA ILE B 75 3.13 15.97 1.28
C ILE B 75 4.24 16.39 2.27
N ALA B 76 3.88 17.10 3.32
CA ALA B 76 4.85 17.49 4.33
C ALA B 76 5.61 16.31 4.92
N VAL B 77 4.96 15.15 5.03
CA VAL B 77 5.59 13.97 5.59
C VAL B 77 6.74 13.52 4.70
N ILE B 78 6.51 13.58 3.40
CA ILE B 78 7.51 13.25 2.41
C ILE B 78 8.64 14.29 2.38
N LYS B 79 8.27 15.57 2.30
CA LYS B 79 9.22 16.67 2.28
C LYS B 79 10.13 16.65 3.51
N GLN B 80 9.60 16.28 4.69
CA GLN B 80 10.40 16.19 5.91
C GLN B 80 11.44 15.03 5.85
N LYS B 81 11.10 13.92 5.18
CA LYS B 81 11.99 12.76 5.01
C LYS B 81 13.17 13.11 4.11
N VAL B 82 12.90 13.69 2.92
CA VAL B 82 13.89 14.12 1.93
C VAL B 82 14.87 15.21 2.38
N SER B 83 14.47 16.02 3.38
CA SER B 83 15.37 16.97 4.05
C SER B 83 15.99 16.41 5.36
N THR B 84 16.06 15.06 5.46
CA THR B 84 16.65 14.34 6.60
C THR B 84 17.54 13.21 6.09
N GLU C 8 -8.68 -1.97 -6.23
CA GLU C 8 -7.69 -1.01 -5.77
C GLU C 8 -6.35 -1.06 -6.57
N ARG C 9 -5.89 0.12 -7.06
CA ARG C 9 -4.65 0.32 -7.82
C ARG C 9 -3.41 0.06 -6.97
N GLY C 10 -2.58 -0.87 -7.43
CA GLY C 10 -1.36 -1.29 -6.75
C GLY C 10 -1.54 -2.56 -5.91
N GLU C 11 -2.79 -2.96 -5.66
CA GLU C 11 -3.12 -4.13 -4.83
C GLU C 11 -3.75 -5.19 -5.75
N VAL C 12 -2.95 -6.19 -6.13
CA VAL C 12 -3.32 -7.23 -7.11
C VAL C 12 -4.23 -8.31 -6.53
N TYR C 13 -3.92 -8.74 -5.29
CA TYR C 13 -4.62 -9.82 -4.61
C TYR C 13 -4.51 -9.58 -3.12
N SER C 14 -5.57 -9.91 -2.38
CA SER C 14 -5.63 -9.83 -0.93
C SER C 14 -6.60 -10.82 -0.41
N GLU C 15 -6.13 -11.72 0.47
CA GLU C 15 -6.97 -12.75 1.09
C GLU C 15 -6.70 -12.77 2.58
N LYS C 16 -7.74 -12.95 3.39
CA LYS C 16 -7.68 -13.02 4.84
C LYS C 16 -8.02 -14.42 5.31
N LEU C 17 -7.24 -14.91 6.30
CA LEU C 17 -7.45 -16.23 6.85
C LEU C 17 -7.65 -16.07 8.36
N PHE C 18 -8.87 -16.34 8.82
CA PHE C 18 -9.15 -16.39 10.24
C PHE C 18 -8.74 -17.74 10.74
N THR C 19 -8.35 -17.83 12.02
CA THR C 19 -8.07 -19.10 12.70
C THR C 19 -8.90 -19.11 14.00
N GLU C 20 -8.93 -20.23 14.70
CA GLU C 20 -9.65 -20.37 15.98
C GLU C 20 -8.81 -19.79 17.15
N SER C 21 -7.62 -19.26 16.80
CA SER C 21 -6.69 -18.62 17.69
C SER C 21 -6.76 -17.11 17.49
N GLU C 22 -5.97 -16.37 18.29
CA GLU C 22 -5.82 -14.89 18.25
C GLU C 22 -4.95 -14.46 17.04
N ARG C 23 -4.61 -15.39 16.14
CA ARG C 23 -3.82 -15.07 14.95
C ARG C 23 -4.72 -15.09 13.71
N THR C 24 -4.65 -13.99 12.94
CA THR C 24 -5.35 -13.79 11.67
C THR C 24 -4.21 -13.46 10.67
N TYR C 25 -4.27 -14.05 9.46
CA TYR C 25 -3.29 -13.87 8.41
C TYR C 25 -3.88 -13.22 7.18
N PHE C 26 -3.05 -12.45 6.49
CA PHE C 26 -3.36 -11.77 5.25
C PHE C 26 -2.31 -12.20 4.27
N PHE C 27 -2.74 -12.45 3.04
CA PHE C 27 -1.91 -12.90 1.95
C PHE C 27 -2.12 -11.89 0.85
N ASN C 28 -1.11 -11.04 0.61
CA ASN C 28 -1.24 -9.94 -0.31
C ASN C 28 -0.24 -9.99 -1.42
N VAL C 29 -0.70 -9.61 -2.61
CA VAL C 29 0.17 -9.46 -3.79
C VAL C 29 0.01 -8.01 -4.26
N LYS C 30 1.09 -7.28 -4.24
CA LYS C 30 1.10 -5.87 -4.63
C LYS C 30 1.99 -5.65 -5.84
N GLU C 31 1.78 -4.53 -6.55
CA GLU C 31 2.52 -4.13 -7.73
C GLU C 31 3.31 -2.88 -7.38
N ASN C 32 4.62 -2.84 -7.67
CA ASN C 32 5.40 -1.64 -7.40
C ASN C 32 5.33 -0.66 -8.59
N ARG C 33 6.13 0.44 -8.56
CA ARG C 33 6.17 1.44 -9.64
C ARG C 33 6.46 0.80 -11.02
N LYS C 34 7.49 -0.05 -11.08
CA LYS C 34 7.96 -0.77 -12.28
C LYS C 34 6.94 -1.79 -12.83
N GLY C 35 5.98 -2.20 -12.02
CA GLY C 35 5.01 -3.22 -12.43
C GLY C 35 5.39 -4.61 -11.95
N ASP C 36 6.42 -4.70 -11.06
CA ASP C 36 6.90 -5.94 -10.45
C ASP C 36 5.97 -6.31 -9.30
N TYR C 37 5.61 -7.59 -9.21
CA TYR C 37 4.76 -8.07 -8.13
C TYR C 37 5.64 -8.43 -6.95
N PHE C 38 5.08 -8.35 -5.75
CA PHE C 38 5.73 -8.76 -4.50
C PHE C 38 4.68 -9.31 -3.57
N LEU C 39 5.10 -10.21 -2.70
CA LEU C 39 4.22 -10.85 -1.76
C LEU C 39 4.35 -10.15 -0.44
N ASN C 40 3.21 -10.00 0.26
CA ASN C 40 3.21 -9.48 1.61
C ASN C 40 2.37 -10.46 2.45
N ILE C 41 3.01 -11.09 3.46
CA ILE C 41 2.37 -11.99 4.39
C ILE C 41 2.28 -11.23 5.68
N VAL C 42 1.06 -11.11 6.21
CA VAL C 42 0.84 -10.40 7.49
C VAL C 42 0.21 -11.36 8.49
N GLU C 43 0.71 -11.40 9.72
CA GLU C 43 0.13 -12.09 10.84
C GLU C 43 -0.30 -10.98 11.78
N SER C 44 -1.58 -10.91 12.09
CA SER C 44 -2.14 -9.94 13.01
C SER C 44 -2.59 -10.73 14.24
N LYS C 45 -1.99 -10.42 15.39
CA LYS C 45 -2.22 -11.14 16.63
C LYS C 45 -2.90 -10.22 17.65
N ARG C 46 -4.00 -10.69 18.20
CA ARG C 46 -4.71 -9.92 19.22
C ARG C 46 -4.10 -10.29 20.58
N SER C 47 -3.52 -9.30 21.26
CA SER C 47 -2.91 -9.49 22.58
C SER C 47 -4.00 -9.67 23.65
N PRO C 48 -3.72 -10.33 24.83
CA PRO C 48 -4.77 -10.48 25.87
C PRO C 48 -5.48 -9.17 26.21
N SER C 49 -4.73 -8.05 26.26
CA SER C 49 -5.22 -6.70 26.54
C SER C 49 -6.23 -6.17 25.51
N GLY C 50 -6.17 -6.70 24.28
CA GLY C 50 -7.05 -6.30 23.20
C GLY C 50 -6.37 -5.47 22.13
N ASP C 51 -5.05 -5.31 22.25
CA ASP C 51 -4.24 -4.57 21.26
C ASP C 51 -3.85 -5.50 20.11
N PHE C 52 -3.67 -4.95 18.91
CA PHE C 52 -3.29 -5.70 17.72
C PHE C 52 -1.83 -5.51 17.30
N GLU C 53 -1.09 -6.63 17.29
CA GLU C 53 0.32 -6.76 16.91
C GLU C 53 0.32 -7.21 15.46
N ARG C 54 0.97 -6.46 14.58
CA ARG C 54 1.04 -6.82 13.17
CA ARG C 54 1.05 -6.77 13.16
C ARG C 54 2.48 -7.16 12.78
N HIS C 55 2.68 -8.38 12.24
CA HIS C 55 3.97 -8.92 11.79
C HIS C 55 3.86 -9.04 10.29
N SER C 56 4.77 -8.40 9.56
CA SER C 56 4.68 -8.29 8.11
C SER C 56 6.00 -8.66 7.41
N ILE C 57 5.91 -9.55 6.42
CA ILE C 57 7.04 -10.05 5.63
C ILE C 57 6.80 -9.76 4.18
N PHE C 58 7.85 -9.31 3.50
CA PHE C 58 7.83 -8.97 2.10
C PHE C 58 8.79 -9.85 1.33
N VAL C 59 8.37 -10.30 0.16
CA VAL C 59 9.19 -11.11 -0.72
C VAL C 59 8.96 -10.60 -2.14
N TYR C 60 10.03 -10.26 -2.84
CA TYR C 60 9.91 -9.69 -4.18
C TYR C 60 10.05 -10.70 -5.34
N GLU C 61 9.35 -10.43 -6.44
CA GLU C 61 9.29 -11.27 -7.63
C GLU C 61 10.49 -12.17 -7.89
N GLU C 62 11.67 -11.60 -7.82
CA GLU C 62 12.90 -12.33 -8.10
C GLU C 62 13.13 -13.57 -7.24
N ASN C 63 12.57 -13.56 -6.03
CA ASN C 63 12.76 -14.65 -5.07
C ASN C 63 11.54 -15.52 -4.73
N ILE C 64 10.45 -15.36 -5.45
CA ILE C 64 9.27 -16.14 -5.15
C ILE C 64 9.51 -17.64 -5.26
N ASN C 65 10.08 -18.06 -6.38
CA ASN C 65 10.34 -19.47 -6.61
C ASN C 65 11.18 -20.14 -5.53
N GLU C 66 12.21 -19.46 -5.03
CA GLU C 66 13.03 -20.02 -3.98
C GLU C 66 12.35 -19.95 -2.62
N PHE C 67 11.55 -18.91 -2.41
CA PHE C 67 10.78 -18.70 -1.19
C PHE C 67 9.73 -19.81 -1.11
N GLU C 68 9.01 -20.06 -2.23
CA GLU C 68 7.99 -21.09 -2.29
C GLU C 68 8.53 -22.48 -1.98
N SER C 69 9.62 -22.91 -2.67
CA SER C 69 10.19 -24.24 -2.45
C SER C 69 10.72 -24.39 -1.02
N ASN C 70 11.31 -23.34 -0.43
CA ASN C 70 11.79 -23.41 0.96
C ASN C 70 10.61 -23.46 1.94
N LEU C 71 9.50 -22.77 1.62
CA LEU C 71 8.32 -22.79 2.49
C LEU C 71 7.73 -24.21 2.47
N LEU C 72 7.57 -24.79 1.26
CA LEU C 72 7.06 -26.12 1.02
C LEU C 72 7.89 -27.18 1.70
N LYS C 73 9.22 -27.00 1.76
CA LYS C 73 10.12 -27.95 2.44
C LYS C 73 9.94 -27.85 3.94
N ALA C 74 9.87 -26.62 4.45
CA ALA C 74 9.71 -26.33 5.89
C ALA C 74 8.41 -26.93 6.43
N ILE C 75 7.33 -26.78 5.67
CA ILE C 75 6.01 -27.25 6.07
C ILE C 75 5.89 -28.76 5.97
N ALA C 76 6.62 -29.36 5.03
CA ALA C 76 6.62 -30.80 4.86
C ALA C 76 7.19 -31.48 6.08
N VAL C 77 8.03 -30.79 6.82
CA VAL C 77 8.56 -31.33 8.05
C VAL C 77 7.43 -31.45 9.06
N ILE C 78 6.55 -30.46 9.05
CA ILE C 78 5.40 -30.43 9.95
C ILE C 78 4.31 -31.40 9.53
N LYS C 79 3.97 -31.42 8.25
CA LYS C 79 2.90 -32.29 7.75
C LYS C 79 3.24 -33.72 8.09
N GLN C 80 4.53 -33.99 8.01
CA GLN C 80 5.06 -35.29 8.33
C GLN C 80 4.92 -35.75 9.77
N LYS C 81 5.33 -34.90 10.70
CA LYS C 81 5.23 -35.13 12.13
C LYS C 81 3.83 -34.57 12.42
N VAL C 82 2.81 -35.20 11.87
CA VAL C 82 1.43 -35.07 12.30
C VAL C 82 0.68 -36.39 12.12
N ARG D 9 16.81 -25.21 22.49
CA ARG D 9 16.45 -24.46 21.28
C ARG D 9 15.08 -24.88 20.75
N GLY D 10 14.73 -26.16 20.90
CA GLY D 10 13.48 -26.77 20.44
C GLY D 10 13.35 -26.92 18.93
N GLU D 11 14.36 -26.43 18.20
CA GLU D 11 14.45 -26.40 16.75
C GLU D 11 14.44 -27.81 16.18
N VAL D 12 13.40 -28.15 15.40
CA VAL D 12 13.23 -29.42 14.71
C VAL D 12 13.94 -29.26 13.34
N TYR D 13 13.82 -28.08 12.71
CA TYR D 13 14.40 -27.80 11.40
C TYR D 13 14.77 -26.29 11.27
N SER D 14 15.76 -25.95 10.39
CA SER D 14 16.16 -24.57 10.09
C SER D 14 16.89 -24.47 8.77
N GLU D 15 16.43 -23.58 7.92
CA GLU D 15 17.03 -23.29 6.63
C GLU D 15 16.92 -21.79 6.38
N LYS D 16 17.94 -21.23 5.73
CA LYS D 16 18.05 -19.80 5.41
C LYS D 16 17.94 -19.66 3.93
N LEU D 17 17.31 -18.58 3.45
CA LEU D 17 17.28 -18.28 2.01
C LEU D 17 17.98 -16.95 1.75
N PHE D 18 19.21 -17.03 1.21
CA PHE D 18 20.03 -15.87 0.93
C PHE D 18 19.56 -15.44 -0.41
N THR D 19 19.44 -14.11 -0.55
CA THR D 19 19.10 -13.44 -1.79
C THR D 19 20.22 -12.40 -1.92
N GLU D 20 20.62 -12.08 -3.12
CA GLU D 20 21.66 -11.07 -3.19
C GLU D 20 21.04 -9.69 -3.21
N SER D 21 20.56 -9.32 -2.00
CA SER D 21 20.07 -8.04 -1.46
C SER D 21 19.92 -8.09 0.06
N GLU D 22 19.64 -6.94 0.67
CA GLU D 22 19.49 -6.76 2.14
C GLU D 22 18.47 -7.65 2.88
N ARG D 23 17.62 -8.42 2.15
CA ARG D 23 16.61 -9.31 2.73
C ARG D 23 17.00 -10.80 2.77
N THR D 24 17.24 -11.30 4.00
CA THR D 24 17.57 -12.71 4.26
C THR D 24 16.34 -13.37 4.98
N TYR D 25 15.80 -14.50 4.43
CA TYR D 25 14.68 -15.22 5.06
C TYR D 25 15.08 -16.50 5.79
N PHE D 26 14.55 -16.72 6.99
CA PHE D 26 14.77 -17.95 7.73
C PHE D 26 13.46 -18.78 7.81
N PHE D 27 13.55 -20.08 7.45
CA PHE D 27 12.40 -20.99 7.55
C PHE D 27 12.73 -21.97 8.64
N ASN D 28 12.07 -21.83 9.80
N ASN D 28 12.09 -21.81 9.82
CA ASN D 28 12.32 -22.69 10.95
CA ASN D 28 12.30 -22.55 11.07
C ASN D 28 11.08 -23.51 11.28
C ASN D 28 11.06 -23.35 11.55
N VAL D 29 11.26 -24.59 12.07
CA VAL D 29 10.22 -25.47 12.63
C VAL D 29 10.63 -25.76 14.06
N LYS D 30 9.74 -25.51 15.03
CA LYS D 30 9.99 -25.71 16.45
C LYS D 30 8.92 -26.57 17.10
N GLU D 31 9.24 -27.17 18.25
CA GLU D 31 8.33 -28.01 19.03
C GLU D 31 8.06 -27.29 20.34
N ASN D 32 6.78 -27.17 20.75
CA ASN D 32 6.47 -26.52 22.03
C ASN D 32 6.44 -27.60 23.16
N ARG D 33 6.07 -27.19 24.42
CA ARG D 33 5.95 -28.05 25.61
C ARG D 33 5.17 -29.36 25.27
N LYS D 34 3.93 -29.20 24.71
CA LYS D 34 2.97 -30.25 24.34
C LYS D 34 3.45 -31.18 23.24
N GLY D 35 4.47 -30.78 22.49
CA GLY D 35 4.97 -31.56 21.37
C GLY D 35 4.37 -31.13 20.04
N ASP D 36 3.66 -29.97 20.03
CA ASP D 36 3.05 -29.39 18.85
C ASP D 36 4.11 -28.66 18.06
N TYR D 37 4.13 -28.87 16.75
CA TYR D 37 5.08 -28.18 15.88
C TYR D 37 4.47 -26.85 15.50
N PHE D 38 5.35 -25.88 15.18
CA PHE D 38 4.96 -24.58 14.67
C PHE D 38 6.00 -24.07 13.73
N LEU D 39 5.54 -23.31 12.75
CA LEU D 39 6.41 -22.73 11.73
C LEU D 39 6.75 -21.33 12.13
N ASN D 40 7.96 -20.92 11.78
CA ASN D 40 8.44 -19.58 12.00
C ASN D 40 9.06 -19.08 10.72
N ILE D 41 8.52 -18.02 10.16
CA ILE D 41 9.13 -17.44 9.01
C ILE D 41 9.60 -16.05 9.40
N VAL D 42 10.89 -15.79 9.22
CA VAL D 42 11.39 -14.47 9.54
C VAL D 42 12.07 -13.84 8.35
N GLU D 43 11.91 -12.53 8.26
CA GLU D 43 12.58 -11.74 7.26
C GLU D 43 13.55 -10.85 8.00
N SER D 44 14.83 -11.01 7.74
CA SER D 44 15.85 -10.17 8.34
C SER D 44 16.35 -9.18 7.32
N LYS D 45 16.18 -7.91 7.65
CA LYS D 45 16.58 -6.85 6.73
C LYS D 45 17.70 -6.06 7.35
N ARG D 46 18.87 -5.99 6.67
CA ARG D 46 20.00 -5.19 7.16
C ARG D 46 19.83 -3.82 6.54
N SER D 47 19.57 -2.84 7.40
CA SER D 47 19.41 -1.44 7.00
C SER D 47 20.75 -0.88 6.45
N PRO D 48 20.75 0.18 5.59
CA PRO D 48 22.04 0.70 5.06
C PRO D 48 23.10 0.94 6.14
N SER D 49 22.67 1.44 7.33
CA SER D 49 23.50 1.71 8.51
C SER D 49 24.19 0.46 9.08
N GLY D 50 23.59 -0.71 8.84
CA GLY D 50 24.11 -1.98 9.33
C GLY D 50 23.31 -2.59 10.46
N ASP D 51 22.17 -1.98 10.78
CA ASP D 51 21.27 -2.46 11.83
C ASP D 51 20.33 -3.53 11.25
N PHE D 52 19.90 -4.48 12.11
CA PHE D 52 19.01 -5.56 11.69
C PHE D 52 17.57 -5.44 12.17
N GLU D 53 16.66 -5.43 11.19
CA GLU D 53 15.20 -5.42 11.37
C GLU D 53 14.73 -6.88 11.20
N ARG D 54 14.03 -7.41 12.20
CA ARG D 54 13.49 -8.76 12.14
C ARG D 54 11.95 -8.78 12.16
N HIS D 55 11.38 -9.36 11.11
CA HIS D 55 9.94 -9.49 10.95
C HIS D 55 9.64 -10.99 11.00
N SER D 56 8.88 -11.41 12.01
CA SER D 56 8.64 -12.80 12.32
C SER D 56 7.16 -13.20 12.38
N ILE D 57 6.82 -14.32 11.69
CA ILE D 57 5.46 -14.83 11.59
C ILE D 57 5.46 -16.25 12.11
N PHE D 58 4.50 -16.55 12.98
CA PHE D 58 4.32 -17.86 13.59
C PHE D 58 3.02 -18.45 13.10
N VAL D 59 3.05 -19.77 12.83
CA VAL D 59 1.91 -20.53 12.36
C VAL D 59 1.86 -21.80 13.12
N TYR D 60 0.74 -22.05 13.83
CA TYR D 60 0.52 -23.25 14.64
C TYR D 60 0.22 -24.39 13.68
N GLU D 61 0.54 -25.60 14.16
CA GLU D 61 0.29 -26.87 13.49
C GLU D 61 -1.12 -26.96 12.97
N GLU D 62 -2.14 -26.61 13.80
CA GLU D 62 -3.53 -26.76 13.39
C GLU D 62 -3.98 -25.90 12.22
N ASN D 63 -3.20 -24.84 11.90
CA ASN D 63 -3.52 -23.91 10.81
C ASN D 63 -2.62 -24.06 9.61
N ILE D 64 -1.66 -25.02 9.69
CA ILE D 64 -0.66 -25.21 8.65
C ILE D 64 -1.19 -25.49 7.24
N ASN D 65 -2.23 -26.29 7.09
CA ASN D 65 -2.78 -26.63 5.77
C ASN D 65 -3.42 -25.42 5.13
N GLU D 66 -4.17 -24.66 5.92
CA GLU D 66 -4.88 -23.47 5.46
CA GLU D 66 -4.87 -23.47 5.46
C GLU D 66 -3.93 -22.32 5.16
N PHE D 67 -2.90 -22.19 5.97
CA PHE D 67 -1.83 -21.20 5.80
C PHE D 67 -1.10 -21.53 4.48
N GLU D 68 -0.68 -22.81 4.31
CA GLU D 68 0.04 -23.22 3.12
C GLU D 68 -0.75 -23.01 1.83
N SER D 69 -1.99 -23.45 1.78
CA SER D 69 -2.80 -23.32 0.56
C SER D 69 -3.05 -21.84 0.23
N ASN D 70 -3.23 -20.97 1.26
CA ASN D 70 -3.43 -19.54 1.05
C ASN D 70 -2.12 -18.91 0.58
N LEU D 71 -0.99 -19.36 1.13
CA LEU D 71 0.31 -18.83 0.71
C LEU D 71 0.58 -19.19 -0.75
N LEU D 72 0.33 -20.45 -1.10
CA LEU D 72 0.42 -20.98 -2.45
C LEU D 72 -0.46 -20.24 -3.43
N LYS D 73 -1.68 -19.88 -3.05
CA LYS D 73 -2.59 -19.14 -3.93
C LYS D 73 -2.02 -17.76 -4.20
N ALA D 74 -1.36 -17.12 -3.21
CA ALA D 74 -0.82 -15.78 -3.45
C ALA D 74 0.46 -15.90 -4.30
N ILE D 75 1.30 -16.88 -4.00
CA ILE D 75 2.49 -17.06 -4.78
C ILE D 75 2.14 -17.39 -6.23
N ALA D 76 1.10 -18.17 -6.44
CA ALA D 76 0.69 -18.52 -7.78
C ALA D 76 0.31 -17.31 -8.64
N VAL D 77 -0.32 -16.31 -8.04
CA VAL D 77 -0.70 -15.11 -8.77
C VAL D 77 0.54 -14.46 -9.35
N ILE D 78 1.58 -14.41 -8.53
CA ILE D 78 2.85 -13.87 -8.93
C ILE D 78 3.51 -14.68 -10.03
N LYS D 79 3.61 -16.00 -9.82
CA LYS D 79 4.24 -16.89 -10.79
C LYS D 79 3.55 -16.86 -12.15
N GLN D 80 2.24 -16.72 -12.14
CA GLN D 80 1.46 -16.61 -13.37
C GLN D 80 1.79 -15.30 -14.15
N LYS D 81 2.07 -14.19 -13.43
CA LYS D 81 2.44 -12.90 -14.02
C LYS D 81 3.80 -13.01 -14.74
N VAL D 82 4.82 -13.53 -14.04
CA VAL D 82 6.20 -13.73 -14.53
C VAL D 82 6.19 -14.58 -15.81
N SER D 83 5.41 -15.68 -15.81
CA SER D 83 5.26 -16.59 -16.94
C SER D 83 4.47 -16.05 -18.14
N THR D 84 4.03 -14.78 -18.03
CA THR D 84 3.28 -14.03 -19.05
C THR D 84 3.99 -12.75 -19.52
#